data_254D
# 
_entry.id   254D 
# 
_audit_conform.dict_name       mmcif_pdbx.dic 
_audit_conform.dict_version    5.387 
_audit_conform.dict_location   http://mmcif.pdb.org/dictionaries/ascii/mmcif_pdbx.dic 
# 
loop_
_database_2.database_id 
_database_2.database_code 
_database_2.pdbx_database_accession 
_database_2.pdbx_DOI 
PDB   254D         pdb_0000254d 10.2210/pdb254d/pdb 
RCSB  ADFB62       ?            ?                   
WWPDB D_1000177660 ?            ?                   
# 
loop_
_pdbx_audit_revision_history.ordinal 
_pdbx_audit_revision_history.data_content_type 
_pdbx_audit_revision_history.major_revision 
_pdbx_audit_revision_history.minor_revision 
_pdbx_audit_revision_history.revision_date 
1 'Structure model' 1 0 1996-04-15 
2 'Structure model' 1 1 2008-05-22 
3 'Structure model' 1 2 2011-07-13 
4 'Structure model' 1 3 2024-02-14 
# 
_pdbx_audit_revision_details.ordinal             1 
_pdbx_audit_revision_details.revision_ordinal    1 
_pdbx_audit_revision_details.data_content_type   'Structure model' 
_pdbx_audit_revision_details.provider            repository 
_pdbx_audit_revision_details.type                'Initial release' 
_pdbx_audit_revision_details.description         ? 
_pdbx_audit_revision_details.details             ? 
# 
loop_
_pdbx_audit_revision_group.ordinal 
_pdbx_audit_revision_group.revision_ordinal 
_pdbx_audit_revision_group.data_content_type 
_pdbx_audit_revision_group.group 
1 2 'Structure model' 'Version format compliance' 
2 3 'Structure model' 'Version format compliance' 
3 4 'Structure model' 'Data collection'           
4 4 'Structure model' 'Database references'       
5 4 'Structure model' 'Derived calculations'      
# 
loop_
_pdbx_audit_revision_category.ordinal 
_pdbx_audit_revision_category.revision_ordinal 
_pdbx_audit_revision_category.data_content_type 
_pdbx_audit_revision_category.category 
1 4 'Structure model' chem_comp_atom 
2 4 'Structure model' chem_comp_bond 
3 4 'Structure model' database_2     
4 4 'Structure model' struct_conn    
# 
loop_
_pdbx_audit_revision_item.ordinal 
_pdbx_audit_revision_item.revision_ordinal 
_pdbx_audit_revision_item.data_content_type 
_pdbx_audit_revision_item.item 
1 4 'Structure model' '_database_2.pdbx_DOI'                
2 4 'Structure model' '_database_2.pdbx_database_accession' 
3 4 'Structure model' '_struct_conn.pdbx_leaving_atom_flag' 
# 
_pdbx_database_status.status_code                     REL 
_pdbx_database_status.entry_id                        254D 
_pdbx_database_status.recvd_initial_deposition_date   1995-09-29 
_pdbx_database_status.deposit_site                    NDB 
_pdbx_database_status.process_site                    NDB 
_pdbx_database_status.status_code_sf                  REL 
_pdbx_database_status.status_code_mr                  ? 
_pdbx_database_status.SG_entry                        ? 
_pdbx_database_status.pdb_format_compatible           Y 
_pdbx_database_status.status_code_cs                  ? 
_pdbx_database_status.status_code_nmr_data            ? 
_pdbx_database_status.methods_development_category    ? 
# 
loop_
_audit_author.name 
_audit_author.pdbx_ordinal 
'Mooers, B.H.'  1 
'Schroth, G.P.' 2 
'Baxter, W.W.'  3 
'Ho, P.S.'      4 
# 
_citation.id                        primary 
_citation.title                     'Alternating and non-alternating dG-dC hexanucleotides crystallize as canonical A-DNA.' 
_citation.journal_abbrev            J.Mol.Biol. 
_citation.journal_volume            249 
_citation.page_first                772 
_citation.page_last                 784 
_citation.year                      1995 
_citation.journal_id_ASTM           JMOBAK 
_citation.country                   UK 
_citation.journal_id_ISSN           0022-2836 
_citation.journal_id_CSD            0070 
_citation.book_publisher            ? 
_citation.pdbx_database_id_PubMed   7602589 
_citation.pdbx_database_id_DOI      10.1006/jmbi.1995.0336 
# 
loop_
_citation_author.citation_id 
_citation_author.name 
_citation_author.ordinal 
_citation_author.identifier_ORCID 
primary 'Mooers, B.H.'  1 ? 
primary 'Schroth, G.P.' 2 ? 
primary 'Baxter, W.W.'  3 ? 
primary 'Ho, P.S.'      4 ? 
# 
loop_
_entity.id 
_entity.type 
_entity.src_method 
_entity.pdbx_description 
_entity.formula_weight 
_entity.pdbx_number_of_molecules 
_entity.pdbx_ec 
_entity.pdbx_mutation 
_entity.pdbx_fragment 
_entity.details 
1 polymer syn 
;DNA (5'-D(*GP*(5CM)P*GP*(5CM)P*GP*C)-3')
;
1838.259 2  ? ? ? ? 
2 water   nat water                                      18.015   34 ? ? ? ? 
# 
_entity_poly.entity_id                      1 
_entity_poly.type                           polydeoxyribonucleotide 
_entity_poly.nstd_linkage                   no 
_entity_poly.nstd_monomer                   yes 
_entity_poly.pdbx_seq_one_letter_code       '(DG)(5CM)(DG)(5CM)(DG)(DC)' 
_entity_poly.pdbx_seq_one_letter_code_can   GCGCGC 
_entity_poly.pdbx_strand_id                 A,B 
_entity_poly.pdbx_target_identifier         ? 
# 
_pdbx_entity_nonpoly.entity_id   2 
_pdbx_entity_nonpoly.name        water 
_pdbx_entity_nonpoly.comp_id     HOH 
# 
loop_
_entity_poly_seq.entity_id 
_entity_poly_seq.num 
_entity_poly_seq.mon_id 
_entity_poly_seq.hetero 
1 1 DG  n 
1 2 5CM n 
1 3 DG  n 
1 4 5CM n 
1 5 DG  n 
1 6 DC  n 
# 
loop_
_chem_comp.id 
_chem_comp.type 
_chem_comp.mon_nstd_flag 
_chem_comp.name 
_chem_comp.pdbx_synonyms 
_chem_comp.formula 
_chem_comp.formula_weight 
5CM 'DNA linking' n "5-METHYL-2'-DEOXY-CYTIDINE-5'-MONOPHOSPHATE" ? 'C10 H16 N3 O7 P' 321.224 
DC  'DNA linking' y "2'-DEOXYCYTIDINE-5'-MONOPHOSPHATE"           ? 'C9 H14 N3 O7 P'  307.197 
DG  'DNA linking' y "2'-DEOXYGUANOSINE-5'-MONOPHOSPHATE"          ? 'C10 H14 N5 O7 P' 347.221 
HOH non-polymer   . WATER                                         ? 'H2 O'            18.015  
# 
loop_
_pdbx_poly_seq_scheme.asym_id 
_pdbx_poly_seq_scheme.entity_id 
_pdbx_poly_seq_scheme.seq_id 
_pdbx_poly_seq_scheme.mon_id 
_pdbx_poly_seq_scheme.ndb_seq_num 
_pdbx_poly_seq_scheme.pdb_seq_num 
_pdbx_poly_seq_scheme.auth_seq_num 
_pdbx_poly_seq_scheme.pdb_mon_id 
_pdbx_poly_seq_scheme.auth_mon_id 
_pdbx_poly_seq_scheme.pdb_strand_id 
_pdbx_poly_seq_scheme.pdb_ins_code 
_pdbx_poly_seq_scheme.hetero 
A 1 1 DG  1 1  1  DG  G  A . n 
A 1 2 5CM 2 2  2  5CM +C A . n 
A 1 3 DG  3 3  3  DG  G  A . n 
A 1 4 5CM 4 4  4  5CM +C A . n 
A 1 5 DG  5 5  5  DG  G  A . n 
A 1 6 DC  6 6  6  DC  C  A . n 
B 1 1 DG  1 7  7  DG  G  B . n 
B 1 2 5CM 2 8  8  5CM +C B . n 
B 1 3 DG  3 9  9  DG  G  B . n 
B 1 4 5CM 4 10 10 5CM +C B . n 
B 1 5 DG  5 11 11 DG  G  B . n 
B 1 6 DC  6 12 12 DC  C  B . n 
# 
loop_
_pdbx_nonpoly_scheme.asym_id 
_pdbx_nonpoly_scheme.entity_id 
_pdbx_nonpoly_scheme.mon_id 
_pdbx_nonpoly_scheme.ndb_seq_num 
_pdbx_nonpoly_scheme.pdb_seq_num 
_pdbx_nonpoly_scheme.auth_seq_num 
_pdbx_nonpoly_scheme.pdb_mon_id 
_pdbx_nonpoly_scheme.auth_mon_id 
_pdbx_nonpoly_scheme.pdb_strand_id 
_pdbx_nonpoly_scheme.pdb_ins_code 
C 2 HOH 1  14 14 HOH HOH A . 
C 2 HOH 2  15 15 HOH HOH A . 
C 2 HOH 3  16 16 HOH HOH A . 
C 2 HOH 4  20 20 HOH HOH A . 
C 2 HOH 5  22 22 HOH HOH A . 
C 2 HOH 6  23 23 HOH HOH A . 
C 2 HOH 7  26 26 HOH HOH A . 
C 2 HOH 8  27 27 HOH HOH A . 
C 2 HOH 9  31 31 HOH HOH A . 
C 2 HOH 10 32 32 HOH HOH A . 
C 2 HOH 11 33 33 HOH HOH A . 
C 2 HOH 12 36 36 HOH HOH A . 
C 2 HOH 13 38 38 HOH HOH A . 
C 2 HOH 14 39 39 HOH HOH A . 
C 2 HOH 15 40 40 HOH HOH A . 
C 2 HOH 16 41 41 HOH HOH A . 
C 2 HOH 17 42 42 HOH HOH A . 
C 2 HOH 18 43 43 HOH HOH A . 
C 2 HOH 19 44 44 HOH HOH A . 
C 2 HOH 20 45 45 HOH HOH A . 
C 2 HOH 21 46 46 HOH HOH A . 
D 2 HOH 1  13 13 HOH HOH B . 
D 2 HOH 2  17 17 HOH HOH B . 
D 2 HOH 3  18 18 HOH HOH B . 
D 2 HOH 4  19 19 HOH HOH B . 
D 2 HOH 5  21 21 HOH HOH B . 
D 2 HOH 6  24 24 HOH HOH B . 
D 2 HOH 7  25 25 HOH HOH B . 
D 2 HOH 8  28 28 HOH HOH B . 
D 2 HOH 9  29 29 HOH HOH B . 
D 2 HOH 10 30 30 HOH HOH B . 
D 2 HOH 11 34 34 HOH HOH B . 
D 2 HOH 12 35 35 HOH HOH B . 
D 2 HOH 13 37 37 HOH HOH B . 
# 
_software.name             X-PLOR 
_software.classification   refinement 
_software.version          . 
_software.citation_id      ? 
_software.pdbx_ordinal     1 
# 
_cell.entry_id           254D 
_cell.length_a           39.670 
_cell.length_b           45.980 
_cell.length_c           39.960 
_cell.angle_alpha        90.00 
_cell.angle_beta         90.00 
_cell.angle_gamma        90.00 
_cell.Z_PDB              16 
_cell.pdbx_unique_axis   ? 
# 
_symmetry.entry_id                         254D 
_symmetry.space_group_name_H-M             'C 2 2 21' 
_symmetry.pdbx_full_space_group_name_H-M   ? 
_symmetry.cell_setting                     ? 
_symmetry.Int_Tables_number                20 
# 
_exptl.entry_id          254D 
_exptl.method            'X-RAY DIFFRACTION' 
_exptl.crystals_number   ? 
# 
_exptl_crystal.id                    1 
_exptl_crystal.density_meas          ? 
_exptl_crystal.density_Matthews      2.48 
_exptl_crystal.density_percent_sol   50.37 
_exptl_crystal.description           ? 
# 
_exptl_crystal_grow.crystal_id      1 
_exptl_crystal_grow.method          'VAPOR DIFFUSION, SITTING DROP' 
_exptl_crystal_grow.temp            ? 
_exptl_crystal_grow.temp_details    'ROOM TEMPERATURE' 
_exptl_crystal_grow.pH              7.00 
_exptl_crystal_grow.pdbx_details    'pH 7.00, VAPOR DIFFUSION, SITTING DROP' 
_exptl_crystal_grow.pdbx_pH_range   ? 
# 
loop_
_exptl_crystal_grow_comp.crystal_id 
_exptl_crystal_grow_comp.id 
_exptl_crystal_grow_comp.sol_id 
_exptl_crystal_grow_comp.name 
_exptl_crystal_grow_comp.volume 
_exptl_crystal_grow_comp.conc 
_exptl_crystal_grow_comp.details 
1 1 1 WATER           ? ? ? 
1 2 1 MPD             ? ? ? 
1 3 1 'NA CACODYLATE' ? ? ? 
1 4 1 SPERMINE        ? ? ? 
1 5 1 MGCL2           ? ? ? 
1 6 2 WATER           ? ? ? 
1 7 2 MPD             ? ? ? 
# 
_diffrn.id                     1 
_diffrn.ambient_temp           298.00 
_diffrn.ambient_temp_details   ? 
_diffrn.crystal_id             1 
# 
_diffrn_detector.diffrn_id              1 
_diffrn_detector.detector               'IMAGE PLATE' 
_diffrn_detector.type                   RIGAKU 
_diffrn_detector.pdbx_collection_date   1992-01-01 
_diffrn_detector.details                ? 
# 
_diffrn_radiation.diffrn_id                        1 
_diffrn_radiation.wavelength_id                    1 
_diffrn_radiation.pdbx_monochromatic_or_laue_m_l   M 
_diffrn_radiation.monochromator                    ? 
_diffrn_radiation.pdbx_diffrn_protocol             ? 
_diffrn_radiation.pdbx_scattering_type             x-ray 
# 
_diffrn_radiation_wavelength.id           1 
_diffrn_radiation_wavelength.wavelength   . 
_diffrn_radiation_wavelength.wt           1.0 
# 
_diffrn_source.diffrn_id                   1 
_diffrn_source.source                      'ROTATING ANODE' 
_diffrn_source.type                        ? 
_diffrn_source.pdbx_synchrotron_site       ? 
_diffrn_source.pdbx_synchrotron_beamline   ? 
_diffrn_source.pdbx_wavelength             ? 
_diffrn_source.pdbx_wavelength_list        ? 
# 
_reflns.entry_id                     254D 
_reflns.observed_criterion_sigma_I   2.000 
_reflns.observed_criterion_sigma_F   ? 
_reflns.d_resolution_low             32.000 
_reflns.d_resolution_high            1.900 
_reflns.number_obs                   2937 
_reflns.number_all                   2937 
_reflns.percent_possible_obs         68.300 
_reflns.pdbx_Rmerge_I_obs            ? 
_reflns.pdbx_Rsym_value              ? 
_reflns.pdbx_netI_over_sigmaI        ? 
_reflns.B_iso_Wilson_estimate        ? 
_reflns.pdbx_redundancy              ? 
_reflns.pdbx_diffrn_id               1 
_reflns.pdbx_ordinal                 1 
# 
_refine.entry_id                                 254D 
_refine.ls_number_reflns_obs                     1994 
_refine.ls_number_reflns_all                     ? 
_refine.pdbx_ls_sigma_I                          ? 
_refine.pdbx_ls_sigma_F                          2.000 
_refine.pdbx_data_cutoff_high_absF               ? 
_refine.pdbx_data_cutoff_low_absF                ? 
_refine.pdbx_data_cutoff_high_rms_absF           ? 
_refine.ls_d_res_low                             8.000 
_refine.ls_d_res_high                            1.900 
_refine.ls_percent_reflns_obs                    76.900 
_refine.ls_R_factor_obs                          0.197 
_refine.ls_R_factor_all                          ? 
_refine.ls_R_factor_R_work                       0.197 
_refine.ls_R_factor_R_free                       0.186 
_refine.ls_R_factor_R_free_error                 ? 
_refine.ls_R_factor_R_free_error_details         ? 
_refine.ls_percent_reflns_R_free                 ? 
_refine.ls_number_reflns_R_free                  ? 
_refine.ls_number_parameters                     ? 
_refine.ls_number_restraints                     ? 
_refine.occupancy_min                            ? 
_refine.occupancy_max                            ? 
_refine.B_iso_mean                               20.20 
_refine.aniso_B[1][1]                            ? 
_refine.aniso_B[2][2]                            ? 
_refine.aniso_B[3][3]                            ? 
_refine.aniso_B[1][2]                            ? 
_refine.aniso_B[1][3]                            ? 
_refine.aniso_B[2][3]                            ? 
_refine.solvent_model_details                    ? 
_refine.solvent_model_param_ksol                 ? 
_refine.solvent_model_param_bsol                 ? 
_refine.pdbx_ls_cross_valid_method               ? 
_refine.details                                  ? 
_refine.pdbx_starting_model                      ? 
_refine.pdbx_method_to_determine_struct          ? 
_refine.pdbx_isotropic_thermal_model             ? 
_refine.pdbx_stereochemistry_target_values       ? 
_refine.pdbx_stereochem_target_val_spec_case     ? 
_refine.pdbx_R_Free_selection_details            ? 
_refine.pdbx_overall_ESU_R                       ? 
_refine.pdbx_overall_ESU_R_Free                  ? 
_refine.overall_SU_ML                            ? 
_refine.overall_SU_B                             ? 
_refine.pdbx_refine_id                           'X-RAY DIFFRACTION' 
_refine.pdbx_diffrn_id                           1 
_refine.pdbx_TLS_residual_ADP_flag               ? 
_refine.correlation_coeff_Fo_to_Fc               ? 
_refine.correlation_coeff_Fo_to_Fc_free          ? 
_refine.pdbx_solvent_vdw_probe_radii             ? 
_refine.pdbx_solvent_ion_probe_radii             ? 
_refine.pdbx_solvent_shrinkage_radii             ? 
_refine.pdbx_overall_phase_error                 ? 
_refine.overall_SU_R_Cruickshank_DPI             ? 
_refine.pdbx_overall_SU_R_free_Cruickshank_DPI   ? 
_refine.pdbx_overall_SU_R_Blow_DPI               ? 
_refine.pdbx_overall_SU_R_free_Blow_DPI          ? 
# 
_refine_hist.pdbx_refine_id                   'X-RAY DIFFRACTION' 
_refine_hist.cycle_id                         LAST 
_refine_hist.pdbx_number_atoms_protein        0 
_refine_hist.pdbx_number_atoms_nucleic_acid   240 
_refine_hist.pdbx_number_atoms_ligand         4 
_refine_hist.number_atoms_solvent             34 
_refine_hist.number_atoms_total               278 
_refine_hist.d_res_high                       1.900 
_refine_hist.d_res_low                        8.000 
# 
loop_
_refine_ls_restr.type 
_refine_ls_restr.dev_ideal 
_refine_ls_restr.dev_ideal_target 
_refine_ls_restr.weight 
_refine_ls_restr.number 
_refine_ls_restr.pdbx_refine_id 
_refine_ls_restr.pdbx_restraint_function 
x_bond_d                0.014 ? ? ? 'X-RAY DIFFRACTION' ? 
x_bond_d_na             ?     ? ? ? 'X-RAY DIFFRACTION' ? 
x_bond_d_prot           ?     ? ? ? 'X-RAY DIFFRACTION' ? 
x_angle_d               ?     ? ? ? 'X-RAY DIFFRACTION' ? 
x_angle_d_na            ?     ? ? ? 'X-RAY DIFFRACTION' ? 
x_angle_d_prot          ?     ? ? ? 'X-RAY DIFFRACTION' ? 
x_angle_deg             3.58  ? ? ? 'X-RAY DIFFRACTION' ? 
x_angle_deg_na          ?     ? ? ? 'X-RAY DIFFRACTION' ? 
x_angle_deg_prot        ?     ? ? ? 'X-RAY DIFFRACTION' ? 
x_dihedral_angle_d      34.3  ? ? ? 'X-RAY DIFFRACTION' ? 
x_dihedral_angle_d_na   ?     ? ? ? 'X-RAY DIFFRACTION' ? 
x_dihedral_angle_d_prot ?     ? ? ? 'X-RAY DIFFRACTION' ? 
x_improper_angle_d      1.84  ? ? ? 'X-RAY DIFFRACTION' ? 
x_improper_angle_d_na   ?     ? ? ? 'X-RAY DIFFRACTION' ? 
x_improper_angle_d_prot ?     ? ? ? 'X-RAY DIFFRACTION' ? 
x_mcbond_it             ?     ? ? ? 'X-RAY DIFFRACTION' ? 
x_mcangle_it            ?     ? ? ? 'X-RAY DIFFRACTION' ? 
x_scbond_it             ?     ? ? ? 'X-RAY DIFFRACTION' ? 
x_scangle_it            ?     ? ? ? 'X-RAY DIFFRACTION' ? 
# 
_struct.entry_id                  254D 
_struct.title                     'ALTERNATING AND NON-ALTERNATING DG-DC HEXANUCLEOTIDES CRYSTALLIZE AS CANONICAL A-DNA' 
_struct.pdbx_model_details        ? 
_struct.pdbx_CASP_flag            ? 
_struct.pdbx_model_type_details   ? 
# 
_struct_keywords.entry_id        254D 
_struct_keywords.pdbx_keywords   DNA 
_struct_keywords.text            'A-DNA, DOUBLE HELIX, MODIFIED, DNA' 
# 
loop_
_struct_asym.id 
_struct_asym.pdbx_blank_PDB_chainid_flag 
_struct_asym.pdbx_modified 
_struct_asym.entity_id 
_struct_asym.details 
A N N 1 ? 
B N N 1 ? 
C N N 2 ? 
D N N 2 ? 
# 
_struct_ref.id                         1 
_struct_ref.entity_id                  1 
_struct_ref.db_name                    PDB 
_struct_ref.db_code                    254D 
_struct_ref.pdbx_db_accession          254D 
_struct_ref.pdbx_db_isoform            ? 
_struct_ref.pdbx_seq_one_letter_code   ? 
_struct_ref.pdbx_align_begin           ? 
# 
loop_
_struct_ref_seq.align_id 
_struct_ref_seq.ref_id 
_struct_ref_seq.pdbx_PDB_id_code 
_struct_ref_seq.pdbx_strand_id 
_struct_ref_seq.seq_align_beg 
_struct_ref_seq.pdbx_seq_align_beg_ins_code 
_struct_ref_seq.seq_align_end 
_struct_ref_seq.pdbx_seq_align_end_ins_code 
_struct_ref_seq.pdbx_db_accession 
_struct_ref_seq.db_align_beg 
_struct_ref_seq.pdbx_db_align_beg_ins_code 
_struct_ref_seq.db_align_end 
_struct_ref_seq.pdbx_db_align_end_ins_code 
_struct_ref_seq.pdbx_auth_seq_align_beg 
_struct_ref_seq.pdbx_auth_seq_align_end 
1 1 254D A 1 ? 6 ? 254D 1 ? 6  ? 1 6  
2 1 254D B 1 ? 6 ? 254D 7 ? 12 ? 7 12 
# 
_pdbx_struct_assembly.id                   1 
_pdbx_struct_assembly.details              author_defined_assembly 
_pdbx_struct_assembly.method_details       ? 
_pdbx_struct_assembly.oligomeric_details   dimeric 
_pdbx_struct_assembly.oligomeric_count     2 
# 
_pdbx_struct_assembly_gen.assembly_id       1 
_pdbx_struct_assembly_gen.oper_expression   1 
_pdbx_struct_assembly_gen.asym_id_list      A,B,C,D 
# 
_pdbx_struct_oper_list.id                   1 
_pdbx_struct_oper_list.type                 'identity operation' 
_pdbx_struct_oper_list.name                 1_555 
_pdbx_struct_oper_list.symmetry_operation   x,y,z 
_pdbx_struct_oper_list.matrix[1][1]         1.0000000000 
_pdbx_struct_oper_list.matrix[1][2]         0.0000000000 
_pdbx_struct_oper_list.matrix[1][3]         0.0000000000 
_pdbx_struct_oper_list.vector[1]            0.0000000000 
_pdbx_struct_oper_list.matrix[2][1]         0.0000000000 
_pdbx_struct_oper_list.matrix[2][2]         1.0000000000 
_pdbx_struct_oper_list.matrix[2][3]         0.0000000000 
_pdbx_struct_oper_list.vector[2]            0.0000000000 
_pdbx_struct_oper_list.matrix[3][1]         0.0000000000 
_pdbx_struct_oper_list.matrix[3][2]         0.0000000000 
_pdbx_struct_oper_list.matrix[3][3]         1.0000000000 
_pdbx_struct_oper_list.vector[3]            0.0000000000 
# 
_struct_biol.id   1 
# 
loop_
_struct_conn.id 
_struct_conn.conn_type_id 
_struct_conn.pdbx_leaving_atom_flag 
_struct_conn.pdbx_PDB_id 
_struct_conn.ptnr1_label_asym_id 
_struct_conn.ptnr1_label_comp_id 
_struct_conn.ptnr1_label_seq_id 
_struct_conn.ptnr1_label_atom_id 
_struct_conn.pdbx_ptnr1_label_alt_id 
_struct_conn.pdbx_ptnr1_PDB_ins_code 
_struct_conn.pdbx_ptnr1_standard_comp_id 
_struct_conn.ptnr1_symmetry 
_struct_conn.ptnr2_label_asym_id 
_struct_conn.ptnr2_label_comp_id 
_struct_conn.ptnr2_label_seq_id 
_struct_conn.ptnr2_label_atom_id 
_struct_conn.pdbx_ptnr2_label_alt_id 
_struct_conn.pdbx_ptnr2_PDB_ins_code 
_struct_conn.ptnr1_auth_asym_id 
_struct_conn.ptnr1_auth_comp_id 
_struct_conn.ptnr1_auth_seq_id 
_struct_conn.ptnr2_auth_asym_id 
_struct_conn.ptnr2_auth_comp_id 
_struct_conn.ptnr2_auth_seq_id 
_struct_conn.ptnr2_symmetry 
_struct_conn.pdbx_ptnr3_label_atom_id 
_struct_conn.pdbx_ptnr3_label_seq_id 
_struct_conn.pdbx_ptnr3_label_comp_id 
_struct_conn.pdbx_ptnr3_label_asym_id 
_struct_conn.pdbx_ptnr3_label_alt_id 
_struct_conn.pdbx_ptnr3_PDB_ins_code 
_struct_conn.details 
_struct_conn.pdbx_dist_value 
_struct_conn.pdbx_value_order 
_struct_conn.pdbx_role 
covale1  covale both ? A DG  1 "O3'" ? ? ? 1_555 A 5CM 2 P  ? ? A DG  1  A 5CM 2  1_555 ? ? ? ? ? ? ?            1.598 ? ? 
covale2  covale both ? A 5CM 2 "O3'" ? ? ? 1_555 A DG  3 P  ? ? A 5CM 2  A DG  3  1_555 ? ? ? ? ? ? ?            1.589 ? ? 
covale3  covale both ? A DG  3 "O3'" ? ? ? 1_555 A 5CM 4 P  ? ? A DG  3  A 5CM 4  1_555 ? ? ? ? ? ? ?            1.609 ? ? 
covale4  covale both ? A 5CM 4 "O3'" ? ? ? 1_555 A DG  5 P  ? ? A 5CM 4  A DG  5  1_555 ? ? ? ? ? ? ?            1.647 ? ? 
covale5  covale both ? B DG  1 "O3'" ? ? ? 1_555 B 5CM 2 P  ? ? B DG  7  B 5CM 8  1_555 ? ? ? ? ? ? ?            1.581 ? ? 
covale6  covale both ? B 5CM 2 "O3'" ? ? ? 1_555 B DG  3 P  ? ? B 5CM 8  B DG  9  1_555 ? ? ? ? ? ? ?            1.627 ? ? 
covale7  covale both ? B DG  3 "O3'" ? ? ? 1_555 B 5CM 4 P  ? ? B DG  9  B 5CM 10 1_555 ? ? ? ? ? ? ?            1.603 ? ? 
covale8  covale both ? B 5CM 4 "O3'" ? ? ? 1_555 B DG  5 P  ? ? B 5CM 10 B DG  11 1_555 ? ? ? ? ? ? ?            1.591 ? ? 
hydrog1  hydrog ?    ? A DG  1 N1    ? ? ? 1_555 B DC  6 N3 ? ? A DG  1  B DC  12 1_555 ? ? ? ? ? ? WATSON-CRICK ?     ? ? 
hydrog2  hydrog ?    ? A DG  1 N2    ? ? ? 1_555 B DC  6 O2 ? ? A DG  1  B DC  12 1_555 ? ? ? ? ? ? WATSON-CRICK ?     ? ? 
hydrog3  hydrog ?    ? A DG  1 O6    ? ? ? 1_555 B DC  6 N4 ? ? A DG  1  B DC  12 1_555 ? ? ? ? ? ? WATSON-CRICK ?     ? ? 
hydrog4  hydrog ?    ? A 5CM 2 N3    ? ? ? 1_555 B DG  5 N1 ? ? A 5CM 2  B DG  11 1_555 ? ? ? ? ? ? WATSON-CRICK ?     ? ? 
hydrog5  hydrog ?    ? A 5CM 2 N4    ? ? ? 1_555 B DG  5 O6 ? ? A 5CM 2  B DG  11 1_555 ? ? ? ? ? ? WATSON-CRICK ?     ? ? 
hydrog6  hydrog ?    ? A 5CM 2 O2    ? ? ? 1_555 B DG  5 N2 ? ? A 5CM 2  B DG  11 1_555 ? ? ? ? ? ? WATSON-CRICK ?     ? ? 
hydrog7  hydrog ?    ? A DG  3 N1    ? ? ? 1_555 B 5CM 4 N3 ? ? A DG  3  B 5CM 10 1_555 ? ? ? ? ? ? WATSON-CRICK ?     ? ? 
hydrog8  hydrog ?    ? A DG  3 N2    ? ? ? 1_555 B 5CM 4 O2 ? ? A DG  3  B 5CM 10 1_555 ? ? ? ? ? ? WATSON-CRICK ?     ? ? 
hydrog9  hydrog ?    ? A DG  3 O6    ? ? ? 1_555 B 5CM 4 N4 ? ? A DG  3  B 5CM 10 1_555 ? ? ? ? ? ? WATSON-CRICK ?     ? ? 
hydrog10 hydrog ?    ? A 5CM 4 N3    ? ? ? 1_555 B DG  3 N1 ? ? A 5CM 4  B DG  9  1_555 ? ? ? ? ? ? WATSON-CRICK ?     ? ? 
hydrog11 hydrog ?    ? A 5CM 4 N4    ? ? ? 1_555 B DG  3 O6 ? ? A 5CM 4  B DG  9  1_555 ? ? ? ? ? ? WATSON-CRICK ?     ? ? 
hydrog12 hydrog ?    ? A 5CM 4 O2    ? ? ? 1_555 B DG  3 N2 ? ? A 5CM 4  B DG  9  1_555 ? ? ? ? ? ? WATSON-CRICK ?     ? ? 
hydrog13 hydrog ?    ? A DG  5 N1    ? ? ? 1_555 B 5CM 2 N3 ? ? A DG  5  B 5CM 8  1_555 ? ? ? ? ? ? WATSON-CRICK ?     ? ? 
hydrog14 hydrog ?    ? A DG  5 N2    ? ? ? 1_555 B 5CM 2 O2 ? ? A DG  5  B 5CM 8  1_555 ? ? ? ? ? ? WATSON-CRICK ?     ? ? 
hydrog15 hydrog ?    ? A DG  5 O6    ? ? ? 1_555 B 5CM 2 N4 ? ? A DG  5  B 5CM 8  1_555 ? ? ? ? ? ? WATSON-CRICK ?     ? ? 
hydrog16 hydrog ?    ? A DC  6 N3    ? ? ? 1_555 B DG  1 N1 ? ? A DC  6  B DG  7  1_555 ? ? ? ? ? ? WATSON-CRICK ?     ? ? 
hydrog17 hydrog ?    ? A DC  6 N4    ? ? ? 1_555 B DG  1 O6 ? ? A DC  6  B DG  7  1_555 ? ? ? ? ? ? WATSON-CRICK ?     ? ? 
hydrog18 hydrog ?    ? A DC  6 O2    ? ? ? 1_555 B DG  1 N2 ? ? A DC  6  B DG  7  1_555 ? ? ? ? ? ? WATSON-CRICK ?     ? ? 
# 
loop_
_struct_conn_type.id 
_struct_conn_type.criteria 
_struct_conn_type.reference 
covale ? ? 
hydrog ? ? 
# 
loop_
_pdbx_validate_close_contact.id 
_pdbx_validate_close_contact.PDB_model_num 
_pdbx_validate_close_contact.auth_atom_id_1 
_pdbx_validate_close_contact.auth_asym_id_1 
_pdbx_validate_close_contact.auth_comp_id_1 
_pdbx_validate_close_contact.auth_seq_id_1 
_pdbx_validate_close_contact.PDB_ins_code_1 
_pdbx_validate_close_contact.label_alt_id_1 
_pdbx_validate_close_contact.auth_atom_id_2 
_pdbx_validate_close_contact.auth_asym_id_2 
_pdbx_validate_close_contact.auth_comp_id_2 
_pdbx_validate_close_contact.auth_seq_id_2 
_pdbx_validate_close_contact.PDB_ins_code_2 
_pdbx_validate_close_contact.label_alt_id_2 
_pdbx_validate_close_contact.dist 
1 1 O A HOH 39 ? ? O A HOH 45 ? ? 2.16 
2 1 O A HOH 27 ? ? O A HOH 46 ? ? 2.18 
# 
_pdbx_validate_symm_contact.id                1 
_pdbx_validate_symm_contact.PDB_model_num     1 
_pdbx_validate_symm_contact.auth_atom_id_1    O 
_pdbx_validate_symm_contact.auth_asym_id_1    A 
_pdbx_validate_symm_contact.auth_comp_id_1    HOH 
_pdbx_validate_symm_contact.auth_seq_id_1     44 
_pdbx_validate_symm_contact.PDB_ins_code_1    ? 
_pdbx_validate_symm_contact.label_alt_id_1    ? 
_pdbx_validate_symm_contact.site_symmetry_1   1_555 
_pdbx_validate_symm_contact.auth_atom_id_2    O 
_pdbx_validate_symm_contact.auth_asym_id_2    B 
_pdbx_validate_symm_contact.auth_comp_id_2    HOH 
_pdbx_validate_symm_contact.auth_seq_id_2     37 
_pdbx_validate_symm_contact.PDB_ins_code_2    ? 
_pdbx_validate_symm_contact.label_alt_id_2    ? 
_pdbx_validate_symm_contact.site_symmetry_2   6_555 
_pdbx_validate_symm_contact.dist              2.14 
# 
loop_
_pdbx_validate_rmsd_angle.id 
_pdbx_validate_rmsd_angle.PDB_model_num 
_pdbx_validate_rmsd_angle.auth_atom_id_1 
_pdbx_validate_rmsd_angle.auth_asym_id_1 
_pdbx_validate_rmsd_angle.auth_comp_id_1 
_pdbx_validate_rmsd_angle.auth_seq_id_1 
_pdbx_validate_rmsd_angle.PDB_ins_code_1 
_pdbx_validate_rmsd_angle.label_alt_id_1 
_pdbx_validate_rmsd_angle.auth_atom_id_2 
_pdbx_validate_rmsd_angle.auth_asym_id_2 
_pdbx_validate_rmsd_angle.auth_comp_id_2 
_pdbx_validate_rmsd_angle.auth_seq_id_2 
_pdbx_validate_rmsd_angle.PDB_ins_code_2 
_pdbx_validate_rmsd_angle.label_alt_id_2 
_pdbx_validate_rmsd_angle.auth_atom_id_3 
_pdbx_validate_rmsd_angle.auth_asym_id_3 
_pdbx_validate_rmsd_angle.auth_comp_id_3 
_pdbx_validate_rmsd_angle.auth_seq_id_3 
_pdbx_validate_rmsd_angle.PDB_ins_code_3 
_pdbx_validate_rmsd_angle.label_alt_id_3 
_pdbx_validate_rmsd_angle.angle_value 
_pdbx_validate_rmsd_angle.angle_target_value 
_pdbx_validate_rmsd_angle.angle_deviation 
_pdbx_validate_rmsd_angle.angle_standard_deviation 
_pdbx_validate_rmsd_angle.linker_flag 
1  1 N7    A DG 1  ? ? C8    A DG 1  ? ? N9    A DG 1  ? ? 116.39 113.10 3.29  0.50 N 
2  1 "C1'" A DG 5  ? ? "O4'" A DG 5  ? ? "C4'" A DG 5  ? ? 103.28 110.10 -6.82 1.00 N 
3  1 "C4'" A DG 5  ? ? "C3'" A DG 5  ? ? "C2'" A DG 5  ? ? 97.96  102.20 -4.24 0.70 N 
4  1 "O4'" A DG 5  ? ? "C1'" A DG 5  ? ? N9    A DG 5  ? ? 111.13 108.30 2.83  0.30 N 
5  1 "O5'" B DG 9  ? ? "C5'" B DG 9  ? ? "C4'" B DG 9  ? ? 100.25 109.40 -9.15 0.80 N 
6  1 "O4'" B DG 9  ? ? "C4'" B DG 9  ? ? "C3'" B DG 9  ? ? 110.19 106.00 4.19  0.60 N 
7  1 "C4'" B DG 9  ? ? "C3'" B DG 9  ? ? "C2'" B DG 9  ? ? 95.85  102.20 -6.35 0.70 N 
8  1 "C4'" B DG 11 ? ? "C3'" B DG 11 ? ? "C2'" B DG 11 ? ? 96.37  102.20 -5.83 0.70 N 
9  1 C5    B DG 11 ? ? N7    B DG 11 ? ? C8    B DG 11 ? ? 100.81 104.30 -3.49 0.50 N 
10 1 N7    B DG 11 ? ? C8    B DG 11 ? ? N9    B DG 11 ? ? 116.59 113.10 3.49  0.50 N 
11 1 "O4'" B DC 12 ? ? "C1'" B DC 12 ? ? N1    B DC 12 ? ? 115.18 108.30 6.88  0.30 N 
# 
loop_
_pdbx_validate_planes.id 
_pdbx_validate_planes.PDB_model_num 
_pdbx_validate_planes.auth_comp_id 
_pdbx_validate_planes.auth_asym_id 
_pdbx_validate_planes.auth_seq_id 
_pdbx_validate_planes.PDB_ins_code 
_pdbx_validate_planes.label_alt_id 
_pdbx_validate_planes.rmsd 
_pdbx_validate_planes.type 
1 1 DG A 3 ? ? 0.065 'SIDE CHAIN' 
2 1 DG A 5 ? ? 0.089 'SIDE CHAIN' 
# 
loop_
_pdbx_struct_mod_residue.id 
_pdbx_struct_mod_residue.label_asym_id 
_pdbx_struct_mod_residue.label_comp_id 
_pdbx_struct_mod_residue.label_seq_id 
_pdbx_struct_mod_residue.auth_asym_id 
_pdbx_struct_mod_residue.auth_comp_id 
_pdbx_struct_mod_residue.auth_seq_id 
_pdbx_struct_mod_residue.PDB_ins_code 
_pdbx_struct_mod_residue.parent_comp_id 
_pdbx_struct_mod_residue.details 
1 A 5CM 2 A 5CM 2  ? DC ? 
2 A 5CM 4 A 5CM 4  ? DC ? 
3 B 5CM 2 B 5CM 8  ? DC ? 
4 B 5CM 4 B 5CM 10 ? DC ? 
# 
loop_
_pdbx_struct_special_symmetry.id 
_pdbx_struct_special_symmetry.PDB_model_num 
_pdbx_struct_special_symmetry.auth_asym_id 
_pdbx_struct_special_symmetry.auth_comp_id 
_pdbx_struct_special_symmetry.auth_seq_id 
_pdbx_struct_special_symmetry.PDB_ins_code 
_pdbx_struct_special_symmetry.label_asym_id 
_pdbx_struct_special_symmetry.label_comp_id 
_pdbx_struct_special_symmetry.label_seq_id 
1 1 A HOH 33 ? C HOH . 
2 1 A HOH 43 ? C HOH . 
# 
loop_
_refine_B_iso.class 
_refine_B_iso.details 
_refine_B_iso.treatment 
_refine_B_iso.pdbx_refine_id 
'ALL ATOMS'  TR isotropic 'X-RAY DIFFRACTION' 
'ALL WATERS' TR isotropic 'X-RAY DIFFRACTION' 
# 
loop_
_refine_occupancy.class 
_refine_occupancy.treatment 
_refine_occupancy.pdbx_refine_id 
'ALL ATOMS'  fix 'X-RAY DIFFRACTION' 
'ALL WATERS' fix 'X-RAY DIFFRACTION' 
# 
loop_
_chem_comp_atom.comp_id 
_chem_comp_atom.atom_id 
_chem_comp_atom.type_symbol 
_chem_comp_atom.pdbx_aromatic_flag 
_chem_comp_atom.pdbx_stereo_config 
_chem_comp_atom.pdbx_ordinal 
5CM N1     N N N 1   
5CM C2     C N N 2   
5CM N3     N N N 3   
5CM C4     C N N 4   
5CM C5     C N N 5   
5CM C5A    C N N 6   
5CM C6     C N N 7   
5CM O2     O N N 8   
5CM N4     N N N 9   
5CM "C1'"  C N R 10  
5CM "C2'"  C N N 11  
5CM "C3'"  C N S 12  
5CM "C4'"  C N R 13  
5CM "O4'"  O N N 14  
5CM "O3'"  O N N 15  
5CM "C5'"  C N N 16  
5CM "O5'"  O N N 17  
5CM P      P N N 18  
5CM OP1    O N N 19  
5CM OP2    O N N 20  
5CM OP3    O N N 21  
5CM H5A1   H N N 22  
5CM H5A2   H N N 23  
5CM H5A3   H N N 24  
5CM H6     H N N 25  
5CM HN41   H N N 26  
5CM HN42   H N N 27  
5CM "H1'"  H N N 28  
5CM "H2'"  H N N 29  
5CM "H2''" H N N 30  
5CM "H3'"  H N N 31  
5CM "H4'"  H N N 32  
5CM "HO3'" H N N 33  
5CM "H5'"  H N N 34  
5CM "H5''" H N N 35  
5CM HOP2   H N N 36  
5CM HOP3   H N N 37  
DC  OP3    O N N 38  
DC  P      P N N 39  
DC  OP1    O N N 40  
DC  OP2    O N N 41  
DC  "O5'"  O N N 42  
DC  "C5'"  C N N 43  
DC  "C4'"  C N R 44  
DC  "O4'"  O N N 45  
DC  "C3'"  C N S 46  
DC  "O3'"  O N N 47  
DC  "C2'"  C N N 48  
DC  "C1'"  C N R 49  
DC  N1     N N N 50  
DC  C2     C N N 51  
DC  O2     O N N 52  
DC  N3     N N N 53  
DC  C4     C N N 54  
DC  N4     N N N 55  
DC  C5     C N N 56  
DC  C6     C N N 57  
DC  HOP3   H N N 58  
DC  HOP2   H N N 59  
DC  "H5'"  H N N 60  
DC  "H5''" H N N 61  
DC  "H4'"  H N N 62  
DC  "H3'"  H N N 63  
DC  "HO3'" H N N 64  
DC  "H2'"  H N N 65  
DC  "H2''" H N N 66  
DC  "H1'"  H N N 67  
DC  H41    H N N 68  
DC  H42    H N N 69  
DC  H5     H N N 70  
DC  H6     H N N 71  
DG  OP3    O N N 72  
DG  P      P N N 73  
DG  OP1    O N N 74  
DG  OP2    O N N 75  
DG  "O5'"  O N N 76  
DG  "C5'"  C N N 77  
DG  "C4'"  C N R 78  
DG  "O4'"  O N N 79  
DG  "C3'"  C N S 80  
DG  "O3'"  O N N 81  
DG  "C2'"  C N N 82  
DG  "C1'"  C N R 83  
DG  N9     N Y N 84  
DG  C8     C Y N 85  
DG  N7     N Y N 86  
DG  C5     C Y N 87  
DG  C6     C N N 88  
DG  O6     O N N 89  
DG  N1     N N N 90  
DG  C2     C N N 91  
DG  N2     N N N 92  
DG  N3     N N N 93  
DG  C4     C Y N 94  
DG  HOP3   H N N 95  
DG  HOP2   H N N 96  
DG  "H5'"  H N N 97  
DG  "H5''" H N N 98  
DG  "H4'"  H N N 99  
DG  "H3'"  H N N 100 
DG  "HO3'" H N N 101 
DG  "H2'"  H N N 102 
DG  "H2''" H N N 103 
DG  "H1'"  H N N 104 
DG  H8     H N N 105 
DG  H1     H N N 106 
DG  H21    H N N 107 
DG  H22    H N N 108 
HOH O      O N N 109 
HOH H1     H N N 110 
HOH H2     H N N 111 
# 
loop_
_chem_comp_bond.comp_id 
_chem_comp_bond.atom_id_1 
_chem_comp_bond.atom_id_2 
_chem_comp_bond.value_order 
_chem_comp_bond.pdbx_aromatic_flag 
_chem_comp_bond.pdbx_stereo_config 
_chem_comp_bond.pdbx_ordinal 
5CM N1    C2     sing N N 1   
5CM N1    C6     sing N N 2   
5CM N1    "C1'"  sing N N 3   
5CM C2    N3     sing N N 4   
5CM C2    O2     doub N N 5   
5CM N3    C4     doub N N 6   
5CM C4    C5     sing N N 7   
5CM C4    N4     sing N N 8   
5CM C5    C5A    sing N N 9   
5CM C5    C6     doub N N 10  
5CM C5A   H5A1   sing N N 11  
5CM C5A   H5A2   sing N N 12  
5CM C5A   H5A3   sing N N 13  
5CM C6    H6     sing N N 14  
5CM N4    HN41   sing N N 15  
5CM N4    HN42   sing N N 16  
5CM "C1'" "C2'"  sing N N 17  
5CM "C1'" "O4'"  sing N N 18  
5CM "C1'" "H1'"  sing N N 19  
5CM "C2'" "C3'"  sing N N 20  
5CM "C2'" "H2'"  sing N N 21  
5CM "C2'" "H2''" sing N N 22  
5CM "C3'" "C4'"  sing N N 23  
5CM "C3'" "O3'"  sing N N 24  
5CM "C3'" "H3'"  sing N N 25  
5CM "C4'" "O4'"  sing N N 26  
5CM "C4'" "C5'"  sing N N 27  
5CM "C4'" "H4'"  sing N N 28  
5CM "O3'" "HO3'" sing N N 29  
5CM "C5'" "O5'"  sing N N 30  
5CM "C5'" "H5'"  sing N N 31  
5CM "C5'" "H5''" sing N N 32  
5CM "O5'" P      sing N N 33  
5CM P     OP1    doub N N 34  
5CM P     OP2    sing N N 35  
5CM P     OP3    sing N N 36  
5CM OP2   HOP2   sing N N 37  
5CM OP3   HOP3   sing N N 38  
DC  OP3   P      sing N N 39  
DC  OP3   HOP3   sing N N 40  
DC  P     OP1    doub N N 41  
DC  P     OP2    sing N N 42  
DC  P     "O5'"  sing N N 43  
DC  OP2   HOP2   sing N N 44  
DC  "O5'" "C5'"  sing N N 45  
DC  "C5'" "C4'"  sing N N 46  
DC  "C5'" "H5'"  sing N N 47  
DC  "C5'" "H5''" sing N N 48  
DC  "C4'" "O4'"  sing N N 49  
DC  "C4'" "C3'"  sing N N 50  
DC  "C4'" "H4'"  sing N N 51  
DC  "O4'" "C1'"  sing N N 52  
DC  "C3'" "O3'"  sing N N 53  
DC  "C3'" "C2'"  sing N N 54  
DC  "C3'" "H3'"  sing N N 55  
DC  "O3'" "HO3'" sing N N 56  
DC  "C2'" "C1'"  sing N N 57  
DC  "C2'" "H2'"  sing N N 58  
DC  "C2'" "H2''" sing N N 59  
DC  "C1'" N1     sing N N 60  
DC  "C1'" "H1'"  sing N N 61  
DC  N1    C2     sing N N 62  
DC  N1    C6     sing N N 63  
DC  C2    O2     doub N N 64  
DC  C2    N3     sing N N 65  
DC  N3    C4     doub N N 66  
DC  C4    N4     sing N N 67  
DC  C4    C5     sing N N 68  
DC  N4    H41    sing N N 69  
DC  N4    H42    sing N N 70  
DC  C5    C6     doub N N 71  
DC  C5    H5     sing N N 72  
DC  C6    H6     sing N N 73  
DG  OP3   P      sing N N 74  
DG  OP3   HOP3   sing N N 75  
DG  P     OP1    doub N N 76  
DG  P     OP2    sing N N 77  
DG  P     "O5'"  sing N N 78  
DG  OP2   HOP2   sing N N 79  
DG  "O5'" "C5'"  sing N N 80  
DG  "C5'" "C4'"  sing N N 81  
DG  "C5'" "H5'"  sing N N 82  
DG  "C5'" "H5''" sing N N 83  
DG  "C4'" "O4'"  sing N N 84  
DG  "C4'" "C3'"  sing N N 85  
DG  "C4'" "H4'"  sing N N 86  
DG  "O4'" "C1'"  sing N N 87  
DG  "C3'" "O3'"  sing N N 88  
DG  "C3'" "C2'"  sing N N 89  
DG  "C3'" "H3'"  sing N N 90  
DG  "O3'" "HO3'" sing N N 91  
DG  "C2'" "C1'"  sing N N 92  
DG  "C2'" "H2'"  sing N N 93  
DG  "C2'" "H2''" sing N N 94  
DG  "C1'" N9     sing N N 95  
DG  "C1'" "H1'"  sing N N 96  
DG  N9    C8     sing Y N 97  
DG  N9    C4     sing Y N 98  
DG  C8    N7     doub Y N 99  
DG  C8    H8     sing N N 100 
DG  N7    C5     sing Y N 101 
DG  C5    C6     sing N N 102 
DG  C5    C4     doub Y N 103 
DG  C6    O6     doub N N 104 
DG  C6    N1     sing N N 105 
DG  N1    C2     sing N N 106 
DG  N1    H1     sing N N 107 
DG  C2    N2     sing N N 108 
DG  C2    N3     doub N N 109 
DG  N2    H21    sing N N 110 
DG  N2    H22    sing N N 111 
DG  N3    C4     sing N N 112 
HOH O     H1     sing N N 113 
HOH O     H2     sing N N 114 
# 
_ndb_struct_conf_na.entry_id   254D 
_ndb_struct_conf_na.feature    'a-form double helix' 
# 
loop_
_ndb_struct_na_base_pair.model_number 
_ndb_struct_na_base_pair.i_label_asym_id 
_ndb_struct_na_base_pair.i_label_comp_id 
_ndb_struct_na_base_pair.i_label_seq_id 
_ndb_struct_na_base_pair.i_symmetry 
_ndb_struct_na_base_pair.j_label_asym_id 
_ndb_struct_na_base_pair.j_label_comp_id 
_ndb_struct_na_base_pair.j_label_seq_id 
_ndb_struct_na_base_pair.j_symmetry 
_ndb_struct_na_base_pair.shear 
_ndb_struct_na_base_pair.stretch 
_ndb_struct_na_base_pair.stagger 
_ndb_struct_na_base_pair.buckle 
_ndb_struct_na_base_pair.propeller 
_ndb_struct_na_base_pair.opening 
_ndb_struct_na_base_pair.pair_number 
_ndb_struct_na_base_pair.pair_name 
_ndb_struct_na_base_pair.i_auth_asym_id 
_ndb_struct_na_base_pair.i_auth_seq_id 
_ndb_struct_na_base_pair.i_PDB_ins_code 
_ndb_struct_na_base_pair.j_auth_asym_id 
_ndb_struct_na_base_pair.j_auth_seq_id 
_ndb_struct_na_base_pair.j_PDB_ins_code 
_ndb_struct_na_base_pair.hbond_type_28 
_ndb_struct_na_base_pair.hbond_type_12 
1 A DG  1 1_555 B DC  6 1_555 -0.436 -0.101 0.264  -2.689 -5.258  -4.801 1 A_DG1:DC12_B  A 1 ? B 12 ? 19 1 
1 A 5CM 2 1_555 B DG  5 1_555 -0.008 -0.164 0.041  1.444  -8.570  -1.147 2 A_5CM2:DG11_B A 2 ? B 11 ? 19 1 
1 A DG  3 1_555 B 5CM 4 1_555 -0.376 -0.072 -0.067 2.525  -8.020  3.468  3 A_DG3:5CM10_B A 3 ? B 10 ? 19 1 
1 A 5CM 4 1_555 B DG  3 1_555 0.181  -0.148 0.097  1.834  -12.583 3.168  4 A_5CM4:DG9_B  A 4 ? B 9  ? 19 1 
1 A DG  5 1_555 B 5CM 2 1_555 0.038  -0.182 0.227  1.266  -10.444 -1.699 5 A_DG5:5CM8_B  A 5 ? B 8  ? 19 1 
1 A DC  6 1_555 B DG  1 1_555 0.918  -0.084 0.162  3.130  -2.123  -2.407 6 A_DC6:DG7_B   A 6 ? B 7  ? 19 1 
# 
loop_
_ndb_struct_na_base_pair_step.model_number 
_ndb_struct_na_base_pair_step.i_label_asym_id_1 
_ndb_struct_na_base_pair_step.i_label_comp_id_1 
_ndb_struct_na_base_pair_step.i_label_seq_id_1 
_ndb_struct_na_base_pair_step.i_symmetry_1 
_ndb_struct_na_base_pair_step.j_label_asym_id_1 
_ndb_struct_na_base_pair_step.j_label_comp_id_1 
_ndb_struct_na_base_pair_step.j_label_seq_id_1 
_ndb_struct_na_base_pair_step.j_symmetry_1 
_ndb_struct_na_base_pair_step.i_label_asym_id_2 
_ndb_struct_na_base_pair_step.i_label_comp_id_2 
_ndb_struct_na_base_pair_step.i_label_seq_id_2 
_ndb_struct_na_base_pair_step.i_symmetry_2 
_ndb_struct_na_base_pair_step.j_label_asym_id_2 
_ndb_struct_na_base_pair_step.j_label_comp_id_2 
_ndb_struct_na_base_pair_step.j_label_seq_id_2 
_ndb_struct_na_base_pair_step.j_symmetry_2 
_ndb_struct_na_base_pair_step.shift 
_ndb_struct_na_base_pair_step.slide 
_ndb_struct_na_base_pair_step.rise 
_ndb_struct_na_base_pair_step.tilt 
_ndb_struct_na_base_pair_step.roll 
_ndb_struct_na_base_pair_step.twist 
_ndb_struct_na_base_pair_step.x_displacement 
_ndb_struct_na_base_pair_step.y_displacement 
_ndb_struct_na_base_pair_step.helical_rise 
_ndb_struct_na_base_pair_step.inclination 
_ndb_struct_na_base_pair_step.tip 
_ndb_struct_na_base_pair_step.helical_twist 
_ndb_struct_na_base_pair_step.step_number 
_ndb_struct_na_base_pair_step.step_name 
_ndb_struct_na_base_pair_step.i_auth_asym_id_1 
_ndb_struct_na_base_pair_step.i_auth_seq_id_1 
_ndb_struct_na_base_pair_step.i_PDB_ins_code_1 
_ndb_struct_na_base_pair_step.j_auth_asym_id_1 
_ndb_struct_na_base_pair_step.j_auth_seq_id_1 
_ndb_struct_na_base_pair_step.j_PDB_ins_code_1 
_ndb_struct_na_base_pair_step.i_auth_asym_id_2 
_ndb_struct_na_base_pair_step.i_auth_seq_id_2 
_ndb_struct_na_base_pair_step.i_PDB_ins_code_2 
_ndb_struct_na_base_pair_step.j_auth_asym_id_2 
_ndb_struct_na_base_pair_step.j_auth_seq_id_2 
_ndb_struct_na_base_pair_step.j_PDB_ins_code_2 
1 A DG  1 1_555 B DC  6 1_555 A 5CM 2 1_555 B DG  5 1_555 -0.484 -1.645 3.211 3.110  4.242  34.474 -3.355 1.255  2.941 7.106  
-5.211 34.861 1 AA_DG15CM2:DG11DC12_BB  A 1 ? B 12 ? A 2 ? B 11 ? 
1 A 5CM 2 1_555 B DG  5 1_555 A DG  3 1_555 B 5CM 4 1_555 0.706  -1.820 3.275 0.490  15.358 22.907 -6.990 -1.383 1.744 34.172 
-1.089 27.526 2 AA_5CM2DG3:5CM10DG11_BB A 2 ? B 11 ? A 3 ? B 10 ? 
1 A DG  3 1_555 B 5CM 4 1_555 A 5CM 4 1_555 B DG  3 1_555 -0.001 -2.077 3.409 -1.929 7.744  33.448 -4.693 -0.293 2.867 13.222 
3.294  34.361 3 AA_DG35CM4:DG95CM10_BB  A 3 ? B 10 ? A 4 ? B 9  ? 
1 A 5CM 4 1_555 B DG  3 1_555 A DG  5 1_555 B 5CM 2 1_555 -0.763 -1.990 3.245 -0.075 13.527 24.228 -6.905 1.579  1.890 29.472 
0.163  27.699 4 AA_5CM4DG5:5CM8DG9_BB   A 4 ? B 9  ? A 5 ? B 8  ? 
1 A DG  5 1_555 B 5CM 2 1_555 A DC  6 1_555 B DG  1 1_555 0.597  -1.622 3.357 0.440  1.476  35.590 -2.869 -0.910 3.296 2.413  
-0.719 35.622 5 AA_DG5DC6:DG75CM8_BB    A 5 ? B 8  ? A 6 ? B 7  ? 
# 
_atom_sites.entry_id                    254D 
_atom_sites.fract_transf_matrix[1][1]   0.00787823 
_atom_sites.fract_transf_matrix[1][2]   -0.02338312 
_atom_sites.fract_transf_matrix[1][3]   -0.00515813 
_atom_sites.fract_transf_matrix[2][1]   0.00447938 
_atom_sites.fract_transf_matrix[2][2]   0.00601273 
_atom_sites.fract_transf_matrix[2][3]   -0.02041571 
_atom_sites.fract_transf_matrix[3][1]   0.02320598 
_atom_sites.fract_transf_matrix[3][2]   0.00628694 
_atom_sites.fract_transf_matrix[3][3]   0.00694318 
_atom_sites.fract_transf_vector[1]      0.262402 
_atom_sites.fract_transf_vector[2]      0.254523 
_atom_sites.fract_transf_vector[3]      0.012804 
# 
loop_
_atom_type.symbol 
C 
N 
O 
P 
# 
loop_
_atom_site.group_PDB 
_atom_site.id 
_atom_site.type_symbol 
_atom_site.label_atom_id 
_atom_site.label_alt_id 
_atom_site.label_comp_id 
_atom_site.label_asym_id 
_atom_site.label_entity_id 
_atom_site.label_seq_id 
_atom_site.pdbx_PDB_ins_code 
_atom_site.Cartn_x 
_atom_site.Cartn_y 
_atom_site.Cartn_z 
_atom_site.occupancy 
_atom_site.B_iso_or_equiv 
_atom_site.pdbx_formal_charge 
_atom_site.auth_seq_id 
_atom_site.auth_comp_id 
_atom_site.auth_asym_id 
_atom_site.auth_atom_id 
_atom_site.pdbx_PDB_model_num 
ATOM   1   O "O5'" . DG  A 1 1 ? 6.123   -9.864  -3.506  1.00 30.85 ? 1  DG  A "O5'" 1 
ATOM   2   C "C5'" . DG  A 1 1 ? 6.120   -10.828 -4.582  1.00 28.78 ? 1  DG  A "C5'" 1 
ATOM   3   C "C4'" . DG  A 1 1 ? 4.713   -11.313 -4.903  1.00 26.17 ? 1  DG  A "C4'" 1 
ATOM   4   O "O4'" . DG  A 1 1 ? 4.032   -11.860 -3.757  1.00 27.71 ? 1  DG  A "O4'" 1 
ATOM   5   C "C3'" . DG  A 1 1 ? 3.830   -10.168 -5.333  1.00 26.17 ? 1  DG  A "C3'" 1 
ATOM   6   O "O3'" . DG  A 1 1 ? 4.113   -9.883  -6.700  1.00 25.93 ? 1  DG  A "O3'" 1 
ATOM   7   C "C2'" . DG  A 1 1 ? 2.464   -10.793 -5.145  1.00 26.33 ? 1  DG  A "C2'" 1 
ATOM   8   C "C1'" . DG  A 1 1 ? 2.638   -11.485 -3.808  1.00 26.57 ? 1  DG  A "C1'" 1 
ATOM   9   N N9    . DG  A 1 1 ? 2.323   -10.637 -2.645  1.00 17.67 ? 1  DG  A N9    1 
ATOM   10  C C8    . DG  A 1 1 ? 3.140   -10.197 -1.651  1.00 17.26 ? 1  DG  A C8    1 
ATOM   11  N N7    . DG  A 1 1 ? 2.582   -9.492  -0.716  1.00 16.55 ? 1  DG  A N7    1 
ATOM   12  C C5    . DG  A 1 1 ? 1.245   -9.470  -1.129  1.00 16.32 ? 1  DG  A C5    1 
ATOM   13  C C6    . DG  A 1 1 ? 0.110   -8.872  -0.518  1.00 12.49 ? 1  DG  A C6    1 
ATOM   14  O O6    . DG  A 1 1 ? 0.057   -8.203  0.504   1.00 16.11 ? 1  DG  A O6    1 
ATOM   15  N N1    . DG  A 1 1 ? -1.030  -9.103  -1.243  1.00 6.42  ? 1  DG  A N1    1 
ATOM   16  C C2    . DG  A 1 1 ? -1.057  -9.811  -2.421  1.00 7.42  ? 1  DG  A C2    1 
ATOM   17  N N2    . DG  A 1 1 ? -2.211  -9.962  -3.015  1.00 6.45  ? 1  DG  A N2    1 
ATOM   18  N N3    . DG  A 1 1 ? -0.028  -10.364 -3.025  1.00 10.05 ? 1  DG  A N3    1 
ATOM   19  C C4    . DG  A 1 1 ? 1.095   -10.159 -2.315  1.00 14.49 ? 1  DG  A C4    1 
HETATM 20  N N1    . 5CM A 1 2 ? -0.890  -7.215  -5.129  1.00 17.37 ? 2  5CM A N1    1 
HETATM 21  C C2    . 5CM A 1 2 ? -1.794  -6.688  -4.234  1.00 18.27 ? 2  5CM A C2    1 
HETATM 22  N N3    . 5CM A 1 2 ? -1.331  -6.194  -3.056  1.00 15.51 ? 2  5CM A N3    1 
HETATM 23  C C4    . 5CM A 1 2 ? -0.053  -6.230  -2.787  1.00 13.07 ? 2  5CM A C4    1 
HETATM 24  C C5    . 5CM A 1 2 ? 0.913   -6.747  -3.688  1.00 15.35 ? 2  5CM A C5    1 
HETATM 25  C C5A   . 5CM A 1 2 ? 2.416   -6.750  -3.338  1.00 8.91  ? 2  5CM A C5A   1 
HETATM 26  C C6    . 5CM A 1 2 ? 0.455   -7.233  -4.848  1.00 18.19 ? 2  5CM A C6    1 
HETATM 27  O O2    . 5CM A 1 2 ? -2.999  -6.630  -4.506  1.00 21.52 ? 2  5CM A O2    1 
HETATM 28  N N4    . 5CM A 1 2 ? 0.309   -5.803  -1.591  1.00 23.62 ? 2  5CM A N4    1 
HETATM 29  C "C1'" . 5CM A 1 2 ? -1.428  -7.772  -6.377  1.00 18.98 ? 2  5CM A "C1'" 1 
HETATM 30  C "C2'" . 5CM A 1 2 ? -1.365  -6.821  -7.535  1.00 22.97 ? 2  5CM A "C2'" 1 
HETATM 31  C "C3'" . 5CM A 1 2 ? -0.025  -7.078  -8.153  1.00 23.25 ? 2  5CM A "C3'" 1 
HETATM 32  C "C4'" . 5CM A 1 2 ? -0.080  -8.576  -8.078  1.00 18.68 ? 2  5CM A "C4'" 1 
HETATM 33  O "O4'" . 5CM A 1 2 ? -0.673  -8.897  -6.813  1.00 21.97 ? 2  5CM A "O4'" 1 
HETATM 34  O "O3'" . 5CM A 1 2 ? 0.070   -6.645  -9.515  1.00 28.19 ? 2  5CM A "O3'" 1 
HETATM 35  C "C5'" . 5CM A 1 2 ? 1.315   -9.048  -8.222  1.00 15.11 ? 2  5CM A "C5'" 1 
HETATM 36  O "O5'" . 5CM A 1 2 ? 2.152   -8.378  -7.293  1.00 21.21 ? 2  5CM A "O5'" 1 
HETATM 37  P P     . 5CM A 1 2 ? 3.762   -8.494  -7.408  1.00 27.51 ? 2  5CM A P     1 
HETATM 38  O OP1   . 5CM A 1 2 ? 4.057   -8.685  -8.849  1.00 28.45 ? 2  5CM A OP1   1 
HETATM 39  O OP2   . 5CM A 1 2 ? 4.397   -7.372  -6.641  1.00 22.24 ? 2  5CM A OP2   1 
ATOM   40  P P     . DG  A 1 3 ? 0.542   -5.178  -9.902  1.00 27.22 ? 3  DG  A P     1 
ATOM   41  O OP1   . DG  A 1 3 ? 0.570   -5.020  -11.369 1.00 30.89 ? 3  DG  A OP1   1 
ATOM   42  O OP2   . DG  A 1 3 ? 1.731   -4.880  -9.088  1.00 28.51 ? 3  DG  A OP2   1 
ATOM   43  O "O5'" . DG  A 1 3 ? -0.750  -4.358  -9.406  1.00 21.36 ? 3  DG  A "O5'" 1 
ATOM   44  C "C5'" . DG  A 1 3 ? -0.735  -3.104  -8.771  1.00 14.91 ? 3  DG  A "C5'" 1 
ATOM   45  C "C4'" . DG  A 1 3 ? -2.107  -2.800  -8.209  1.00 14.44 ? 3  DG  A "C4'" 1 
ATOM   46  O "O4'" . DG  A 1 3 ? -2.414  -3.643  -7.068  1.00 16.60 ? 3  DG  A "O4'" 1 
ATOM   47  C "C3'" . DG  A 1 3 ? -2.158  -1.373  -7.675  1.00 16.81 ? 3  DG  A "C3'" 1 
ATOM   48  O "O3'" . DG  A 1 3 ? -2.386  -0.423  -8.732  1.00 17.36 ? 3  DG  A "O3'" 1 
ATOM   49  C "C2'" . DG  A 1 3 ? -3.284  -1.465  -6.662  1.00 10.78 ? 3  DG  A "C2'" 1 
ATOM   50  C "C1'" . DG  A 1 3 ? -2.980  -2.801  -6.031  1.00 12.69 ? 3  DG  A "C1'" 1 
ATOM   51  N N9    . DG  A 1 3 ? -1.951  -2.743  -4.988  1.00 14.90 ? 3  DG  A N9    1 
ATOM   52  C C8    . DG  A 1 3 ? -0.667  -3.210  -5.016  1.00 14.02 ? 3  DG  A C8    1 
ATOM   53  N N7    . DG  A 1 3 ? -0.040  -3.114  -3.892  1.00 14.02 ? 3  DG  A N7    1 
ATOM   54  C C5    . DG  A 1 3 ? -0.990  -2.540  -3.033  1.00 10.94 ? 3  DG  A C5    1 
ATOM   55  C C6    . DG  A 1 3 ? -0.931  -2.188  -1.653  1.00 13.84 ? 3  DG  A C6    1 
ATOM   56  O O6    . DG  A 1 3 ? -0.023  -2.314  -0.842  1.00 15.80 ? 3  DG  A O6    1 
ATOM   57  N N1    . DG  A 1 3 ? -2.082  -1.593  -1.215  1.00 11.01 ? 3  DG  A N1    1 
ATOM   58  C C2    . DG  A 1 3 ? -3.144  -1.385  -1.997  1.00 8.63  ? 3  DG  A C2    1 
ATOM   59  N N2    . DG  A 1 3 ? -4.090  -0.677  -1.498  1.00 7.76  ? 3  DG  A N2    1 
ATOM   60  N N3    . DG  A 1 3 ? -3.260  -1.766  -3.243  1.00 14.92 ? 3  DG  A N3    1 
ATOM   61  C C4    . DG  A 1 3 ? -2.140  -2.305  -3.710  1.00 14.02 ? 3  DG  A C4    1 
HETATM 62  N N1    . 5CM A 1 4 ? -2.095  2.008   -3.205  1.00 16.31 ? 4  5CM A N1    1 
HETATM 63  C C2    . 5CM A 1 4 ? -1.759  2.258   -1.886  1.00 14.10 ? 4  5CM A C2    1 
HETATM 64  N N3    . 5CM A 1 4 ? -0.610  1.773   -1.389  1.00 11.02 ? 4  5CM A N3    1 
HETATM 65  C C4    . 5CM A 1 4 ? 0.216   1.115   -2.198  1.00 8.21  ? 4  5CM A C4    1 
HETATM 66  C C5    . 5CM A 1 4 ? -0.047  0.913   -3.584  1.00 9.40  ? 4  5CM A C5    1 
HETATM 67  C C5A   . 5CM A 1 4 ? 1.041   0.318   -4.499  1.00 11.51 ? 4  5CM A C5A   1 
HETATM 68  C C6    . 5CM A 1 4 ? -1.239  1.336   -4.043  1.00 10.06 ? 4  5CM A C6    1 
HETATM 69  O O2    . 5CM A 1 4 ? -2.458  2.958   -1.169  1.00 20.05 ? 4  5CM A O2    1 
HETATM 70  N N4    . 5CM A 1 4 ? 1.318   0.639   -1.688  1.00 10.56 ? 4  5CM A N4    1 
HETATM 71  C "C1'" . 5CM A 1 4 ? -3.406  2.491   -3.673  1.00 13.94 ? 4  5CM A "C1'" 1 
HETATM 72  C "C2'" . 5CM A 1 4 ? -3.328  3.905   -4.138  1.00 16.85 ? 4  5CM A "C2'" 1 
HETATM 73  C "C3'" . 5CM A 1 4 ? -3.077  3.796   -5.619  1.00 19.83 ? 4  5CM A "C3'" 1 
HETATM 74  C "C4'" . 5CM A 1 4 ? -4.081  2.698   -5.903  1.00 17.84 ? 4  5CM A "C4'" 1 
HETATM 75  O "O4'" . 5CM A 1 4 ? -3.891  1.767   -4.813  1.00 21.05 ? 4  5CM A "O4'" 1 
HETATM 76  O "O3'" . 5CM A 1 4 ? -3.291  5.045   -6.333  1.00 24.71 ? 4  5CM A "O3'" 1 
HETATM 77  C "C5'" . 5CM A 1 4 ? -3.791  2.040   -7.221  1.00 18.10 ? 4  5CM A "C5'" 1 
HETATM 78  O "O5'" . 5CM A 1 4 ? -2.427  1.611   -7.217  1.00 24.00 ? 4  5CM A "O5'" 1 
HETATM 79  P P     . 5CM A 1 4 ? -1.663  0.994   -8.492  1.00 25.27 ? 4  5CM A P     1 
HETATM 80  O OP1   . 5CM A 1 4 ? -1.953  1.889   -9.642  1.00 29.22 ? 4  5CM A OP1   1 
HETATM 81  O OP2   . 5CM A 1 4 ? -0.261  0.741   -8.071  1.00 20.73 ? 4  5CM A OP2   1 
ATOM   82  P P     . DG  A 1 5 ? -2.070  6.118   -6.599  1.00 29.77 ? 5  DG  A P     1 
ATOM   83  O OP1   . DG  A 1 5 ? -2.545  7.152   -7.560  1.00 30.49 ? 5  DG  A OP1   1 
ATOM   84  O OP2   . DG  A 1 5 ? -0.798  5.393   -6.872  1.00 22.80 ? 5  DG  A OP2   1 
ATOM   85  O "O5'" . DG  A 1 5 ? -1.912  6.810   -5.149  1.00 26.28 ? 5  DG  A "O5'" 1 
ATOM   86  C "C5'" . DG  A 1 5 ? -2.886  7.678   -4.545  1.00 22.95 ? 5  DG  A "C5'" 1 
ATOM   87  C "C4'" . DG  A 1 5 ? -2.501  8.034   -3.097  1.00 18.57 ? 5  DG  A "C4'" 1 
ATOM   88  O "O4'" . DG  A 1 5 ? -2.441  6.856   -2.259  1.00 15.47 ? 5  DG  A "O4'" 1 
ATOM   89  C "C3'" . DG  A 1 5 ? -1.115  8.687   -2.978  1.00 18.63 ? 5  DG  A "C3'" 1 
ATOM   90  O "O3'" . DG  A 1 5 ? -1.075  10.041  -3.408  1.00 19.29 ? 5  DG  A "O3'" 1 
ATOM   91  C "C2'" . DG  A 1 5 ? -0.984  8.624   -1.494  1.00 17.37 ? 5  DG  A "C2'" 1 
ATOM   92  C "C1'" . DG  A 1 5 ? -1.455  7.210   -1.259  1.00 15.92 ? 5  DG  A "C1'" 1 
ATOM   93  N N9    . DG  A 1 5 ? -0.316  6.335   -1.321  1.00 5.61  ? 5  DG  A N9    1 
ATOM   94  C C8    . DG  A 1 5 ? 0.132   5.533   -2.312  1.00 11.41 ? 5  DG  A C8    1 
ATOM   95  N N7    . DG  A 1 5 ? 1.151   4.797   -2.016  1.00 5.55  ? 5  DG  A N7    1 
ATOM   96  C C5    . DG  A 1 5 ? 1.392   5.136   -0.693  1.00 6.38  ? 5  DG  A C5    1 
ATOM   97  C C6    . DG  A 1 5 ? 2.327   4.627   0.256   1.00 7.27  ? 5  DG  A C6    1 
ATOM   98  O O6    . DG  A 1 5 ? 3.060   3.650   0.164   1.00 11.45 ? 5  DG  A O6    1 
ATOM   99  N N1    . DG  A 1 5 ? 2.247   5.311   1.472   1.00 2.46  ? 5  DG  A N1    1 
ATOM   100 C C2    . DG  A 1 5 ? 1.344   6.305   1.751   1.00 5.68  ? 5  DG  A C2    1 
ATOM   101 N N2    . DG  A 1 5 ? 1.442   6.955   2.899   1.00 14.89 ? 5  DG  A N2    1 
ATOM   102 N N3    . DG  A 1 5 ? 0.401   6.714   0.929   1.00 3.64  ? 5  DG  A N3    1 
ATOM   103 C C4    . DG  A 1 5 ? 0.496   6.097   -0.280  1.00 8.73  ? 5  DG  A C4    1 
ATOM   104 P P     . DC  A 1 6 ? 0.232   10.787  -4.003  1.00 18.57 ? 6  DC  A P     1 
ATOM   105 O OP1   . DC  A 1 6 ? -0.268  12.022  -4.645  1.00 18.89 ? 6  DC  A OP1   1 
ATOM   106 O OP2   . DC  A 1 6 ? 1.087   9.826   -4.771  1.00 11.42 ? 6  DC  A OP2   1 
ATOM   107 O "O5'" . DC  A 1 6 ? 1.063   11.221  -2.672  1.00 17.54 ? 6  DC  A "O5'" 1 
ATOM   108 C "C5'" . DC  A 1 6 ? 0.518   11.981  -1.580  1.00 17.56 ? 6  DC  A "C5'" 1 
ATOM   109 C "C4'" . DC  A 1 6 ? 1.374   11.725  -0.373  1.00 13.09 ? 6  DC  A "C4'" 1 
ATOM   110 O "O4'" . DC  A 1 6 ? 1.404   10.325  -0.121  1.00 11.84 ? 6  DC  A "O4'" 1 
ATOM   111 C "C3'" . DC  A 1 6 ? 2.831   12.053  -0.616  1.00 18.64 ? 6  DC  A "C3'" 1 
ATOM   112 O "O3'" . DC  A 1 6 ? 3.205   13.435  -0.542  1.00 18.51 ? 6  DC  A "O3'" 1 
ATOM   113 C "C2'" . DC  A 1 6 ? 3.427   11.259  0.481   1.00 17.06 ? 6  DC  A "C2'" 1 
ATOM   114 C "C1'" . DC  A 1 6 ? 2.619   9.995   0.489   1.00 7.97  ? 6  DC  A "C1'" 1 
ATOM   115 N N1    . DC  A 1 6 ? 3.228   8.871   -0.193  1.00 11.35 ? 6  DC  A N1    1 
ATOM   116 C C2    . DC  A 1 6 ? 4.173   8.161   0.513   1.00 12.20 ? 6  DC  A C2    1 
ATOM   117 O O2    . DC  A 1 6 ? 4.429   8.413   1.688   1.00 14.05 ? 6  DC  A O2    1 
ATOM   118 N N3    . DC  A 1 6 ? 4.795   7.146   -0.093  1.00 12.58 ? 6  DC  A N3    1 
ATOM   119 C C4    . DC  A 1 6 ? 4.450   6.814   -1.321  1.00 12.03 ? 6  DC  A C4    1 
ATOM   120 N N4    . DC  A 1 6 ? 5.072   5.779   -1.838  1.00 15.25 ? 6  DC  A N4    1 
ATOM   121 C C5    . DC  A 1 6 ? 3.455   7.498   -2.057  1.00 7.75  ? 6  DC  A C5    1 
ATOM   122 C C6    . DC  A 1 6 ? 2.880   8.537   -1.450  1.00 7.45  ? 6  DC  A C6    1 
ATOM   123 O "O5'" . DG  B 1 1 ? 10.792  0.369   5.354   1.00 16.68 ? 7  DG  B "O5'" 1 
ATOM   124 C "C5'" . DG  B 1 1 ? 11.561  0.966   6.368   1.00 19.26 ? 7  DG  B "C5'" 1 
ATOM   125 C "C4'" . DG  B 1 1 ? 11.200  2.418   6.476   1.00 21.58 ? 7  DG  B "C4'" 1 
ATOM   126 O "O4'" . DG  B 1 1 ? 11.422  3.146   5.274   1.00 25.70 ? 7  DG  B "O4'" 1 
ATOM   127 C "C3'" . DG  B 1 1 ? 9.739   2.624   6.720   1.00 26.71 ? 7  DG  B "C3'" 1 
ATOM   128 O "O3'" . DG  B 1 1 ? 9.561   2.450   8.113   1.00 34.17 ? 7  DG  B "O3'" 1 
ATOM   129 C "C2'" . DG  B 1 1 ? 9.580   4.088   6.393   1.00 22.69 ? 7  DG  B "C2'" 1 
ATOM   130 C "C1'" . DG  B 1 1 ? 10.454  4.220   5.177   1.00 24.05 ? 7  DG  B "C1'" 1 
ATOM   131 N N9    . DG  B 1 1 ? 9.731   4.051   3.907   1.00 19.83 ? 7  DG  B N9    1 
ATOM   132 C C8    . DG  B 1 1 ? 9.982   3.148   2.914   1.00 19.39 ? 7  DG  B C8    1 
ATOM   133 N N7    . DG  B 1 1 ? 9.249   3.261   1.854   1.00 17.41 ? 7  DG  B N7    1 
ATOM   134 C C5    . DG  B 1 1 ? 8.416   4.323   2.182   1.00 18.18 ? 7  DG  B C5    1 
ATOM   135 C C6    . DG  B 1 1 ? 7.370   4.893   1.440   1.00 15.39 ? 7  DG  B C6    1 
ATOM   136 O O6    . DG  B 1 1 ? 6.917   4.525   0.364   1.00 12.86 ? 7  DG  B O6    1 
ATOM   137 N N1    . DG  B 1 1 ? 6.821   5.955   2.101   1.00 11.26 ? 7  DG  B N1    1 
ATOM   138 C C2    . DG  B 1 1 ? 7.221   6.392   3.337   1.00 14.19 ? 7  DG  B C2    1 
ATOM   139 N N2    . DG  B 1 1 ? 6.711   7.516   3.788   1.00 10.61 ? 7  DG  B N2    1 
ATOM   140 N N3    . DG  B 1 1 ? 8.133   5.821   4.090   1.00 12.57 ? 7  DG  B N3    1 
ATOM   141 C C4    . DG  B 1 1 ? 8.705   4.806   3.436   1.00 15.24 ? 7  DG  B C4    1 
HETATM 142 N N1    . 5CM B 1 2 ? 4.993   4.888   5.678   1.00 18.74 ? 8  5CM B N1    1 
HETATM 143 C C2    . 5CM B 1 2 ? 4.047   5.261   4.735   1.00 15.27 ? 8  5CM B C2    1 
HETATM 144 N N3    . 5CM B 1 2 ? 3.971   4.543   3.589   1.00 15.93 ? 8  5CM B N3    1 
HETATM 145 C C4    . 5CM B 1 2 ? 4.771   3.483   3.418   1.00 17.91 ? 8  5CM B C4    1 
HETATM 146 C C5    . 5CM B 1 2 ? 5.694   3.026   4.416   1.00 17.45 ? 8  5CM B C5    1 
HETATM 147 C C5A   . 5CM B 1 2 ? 6.573   1.787   4.188   1.00 13.81 ? 8  5CM B C5A   1 
HETATM 148 C C6    . 5CM B 1 2 ? 5.769   3.754   5.537   1.00 16.60 ? 8  5CM B C6    1 
HETATM 149 O O2    . 5CM B 1 2 ? 3.243   6.173   4.969   1.00 17.57 ? 8  5CM B O2    1 
HETATM 150 N N4    . 5CM B 1 2 ? 4.730   2.878   2.239   1.00 24.60 ? 8  5CM B N4    1 
HETATM 151 C "C1'" . 5CM B 1 2 ? 5.194   5.815   6.809   1.00 16.53 ? 8  5CM B "C1'" 1 
HETATM 152 C "C2'" . 5CM B 1 2 ? 4.178   5.592   7.860   1.00 20.29 ? 8  5CM B "C2'" 1 
HETATM 153 C "C3'" . 5CM B 1 2 ? 4.872   4.605   8.771   1.00 23.04 ? 8  5CM B "C3'" 1 
HETATM 154 C "C4'" . 5CM B 1 2 ? 6.277   5.237   8.760   1.00 20.56 ? 8  5CM B "C4'" 1 
HETATM 155 O "O4'" . 5CM B 1 2 ? 6.473   5.578   7.408   1.00 12.72 ? 8  5CM B "O4'" 1 
HETATM 156 O "O3'" . 5CM B 1 2 ? 4.207   4.584   10.061  1.00 26.69 ? 8  5CM B "O3'" 1 
HETATM 157 C "C5'" . 5CM B 1 2 ? 7.327   4.269   9.225   1.00 13.46 ? 8  5CM B "C5'" 1 
HETATM 158 O "O5'" . 5CM B 1 2 ? 7.197   3.102   8.473   1.00 22.80 ? 8  5CM B "O5'" 1 
HETATM 159 P P     . 5CM B 1 2 ? 8.202   1.877   8.685   1.00 30.68 ? 8  5CM B P     1 
HETATM 160 O OP1   . 5CM B 1 2 ? 8.411   1.636   10.129  1.00 33.97 ? 8  5CM B OP1   1 
HETATM 161 O OP2   . 5CM B 1 2 ? 7.798   0.772   7.780   1.00 36.50 ? 8  5CM B OP2   1 
ATOM   162 P P     . DG  B 1 3 ? 3.306   3.290   10.458  1.00 28.03 ? 9  DG  B P     1 
ATOM   163 O OP1   . DG  B 1 3 ? 2.877   3.480   11.868  1.00 33.79 ? 9  DG  B OP1   1 
ATOM   164 O OP2   . DG  B 1 3 ? 4.027   2.065   10.012  1.00 20.43 ? 9  DG  B OP2   1 
ATOM   165 O "O5'" . DG  B 1 3 ? 1.975   3.484   9.611   1.00 26.94 ? 9  DG  B "O5'" 1 
ATOM   166 C "C5'" . DG  B 1 3 ? 1.242   2.524   8.861   1.00 17.23 ? 9  DG  B "C5'" 1 
ATOM   167 C "C4'" . DG  B 1 3 ? 0.308   3.432   8.104   1.00 19.51 ? 9  DG  B "C4'" 1 
ATOM   168 O "O4'" . DG  B 1 3 ? 1.032   4.276   7.162   1.00 15.36 ? 9  DG  B "O4'" 1 
ATOM   169 C "C3'" . DG  B 1 3 ? -0.872  2.733   7.395   1.00 18.42 ? 9  DG  B "C3'" 1 
ATOM   170 O "O3'" . DG  B 1 3 ? -1.907  2.440   8.365   1.00 19.46 ? 9  DG  B "O3'" 1 
ATOM   171 C "C2'" . DG  B 1 3 ? -1.209  3.905   6.458   1.00 15.98 ? 9  DG  B "C2'" 1 
ATOM   172 C "C1'" . DG  B 1 3 ? 0.190   4.328   5.999   1.00 16.67 ? 9  DG  B "C1'" 1 
ATOM   173 N N9    . DG  B 1 3 ? 0.782   3.343   5.064   1.00 15.93 ? 9  DG  B N9    1 
ATOM   174 C C8    . DG  B 1 3 ? 1.850   2.522   5.263   1.00 15.26 ? 9  DG  B C8    1 
ATOM   175 N N7    . DG  B 1 3 ? 2.188   1.808   4.229   1.00 15.17 ? 9  DG  B N7    1 
ATOM   176 C C5    . DG  B 1 3 ? 1.239   2.190   3.263   1.00 11.79 ? 9  DG  B C5    1 
ATOM   177 C C6    . DG  B 1 3 ? 1.046   1.759   1.917   1.00 12.50 ? 9  DG  B C6    1 
ATOM   178 O O6    . DG  B 1 3 ? 1.638   0.888   1.285   1.00 13.86 ? 9  DG  B O6    1 
ATOM   179 N N1    . DG  B 1 3 ? -0.035  2.383   1.326   1.00 12.49 ? 9  DG  B N1    1 
ATOM   180 C C2    . DG  B 1 3 ? -0.843  3.262   1.936   1.00 6.41  ? 9  DG  B C2    1 
ATOM   181 N N2    . DG  B 1 3 ? -1.895  3.664   1.265   1.00 8.17  ? 9  DG  B N2    1 
ATOM   182 N N3    . DG  B 1 3 ? -0.653  3.697   3.163   1.00 10.94 ? 9  DG  B N3    1 
ATOM   183 C C4    . DG  B 1 3 ? 0.390   3.118   3.773   1.00 10.72 ? 9  DG  B C4    1 
HETATM 184 N N1    . 5CM B 1 4 ? -3.178  0.577   3.206   1.00 15.43 ? 10 5CM B N1    1 
HETATM 185 C C2    . 5CM B 1 4 ? -3.072  0.098   1.935   1.00 13.28 ? 10 5CM B C2    1 
HETATM 186 N N3    . 5CM B 1 4 ? -1.987  -0.607  1.577   1.00 8.84  ? 10 5CM B N3    1 
HETATM 187 C C4    . 5CM B 1 4 ? -1.042  -0.835  2.479   1.00 10.46 ? 10 5CM B C4    1 
HETATM 188 C C5    . 5CM B 1 4 ? -1.169  -0.402  3.812   1.00 12.74 ? 10 5CM B C5    1 
HETATM 189 C C5A   . 5CM B 1 4 ? -0.103  -0.759  4.845   1.00 16.04 ? 10 5CM B C5A   1 
HETATM 190 C C6    . 5CM B 1 4 ? -2.246  0.320   4.133   1.00 13.17 ? 10 5CM B C6    1 
HETATM 191 O O2    . 5CM B 1 4 ? -3.976  0.268   1.124   1.00 20.65 ? 10 5CM B O2    1 
HETATM 192 N N4    . 5CM B 1 4 ? 0.086   -1.427  2.107   1.00 11.44 ? 10 5CM B N4    1 
HETATM 193 C "C1'" . 5CM B 1 4 ? -4.346  1.401   3.527   1.00 15.92 ? 10 5CM B "C1'" 1 
HETATM 194 C "C2'" . 5CM B 1 4 ? -5.558  0.583   3.865   1.00 15.57 ? 10 5CM B "C2'" 1 
HETATM 195 C "C3'" . 5CM B 1 4 ? -5.443  0.476   5.329   1.00 19.61 ? 10 5CM B "C3'" 1 
HETATM 196 C "C4'" . 5CM B 1 4 ? -5.049  1.939   5.643   1.00 21.05 ? 10 5CM B "C4'" 1 
HETATM 197 O "O4'" . 5CM B 1 4 ? -4.080  2.271   4.644   1.00 19.57 ? 10 5CM B "O4'" 1 
HETATM 198 O "O3'" . 5CM B 1 4 ? -6.690  0.100   5.914   1.00 22.88 ? 10 5CM B "O3'" 1 
HETATM 199 C "C5'" . 5CM B 1 4 ? -4.539  2.045   7.085   1.00 18.98 ? 10 5CM B "C5'" 1 
HETATM 200 O "O5'" . 5CM B 1 4 ? -3.549  1.032   7.306   1.00 17.69 ? 10 5CM B "O5'" 1 
HETATM 201 P P     . 5CM B 1 4 ? -2.614  1.014   8.555   1.00 19.54 ? 10 5CM B P     1 
HETATM 202 O OP1   . 5CM B 1 4 ? -3.450  1.027   9.773   1.00 20.84 ? 10 5CM B OP1   1 
HETATM 203 O OP2   . 5CM B 1 4 ? -1.624  -0.052  8.369   1.00 21.96 ? 10 5CM B OP2   1 
ATOM   204 P P     . DG  B 1 5 ? -6.999  -1.408  6.316   1.00 28.08 ? 11 DG  B P     1 
ATOM   205 O OP1   . DG  B 1 5 ? -8.221  -1.350  7.136   1.00 30.12 ? 11 DG  B OP1   1 
ATOM   206 O OP2   . DG  B 1 5 ? -5.762  -2.084  6.812   1.00 22.16 ? 11 DG  B OP2   1 
ATOM   207 O "O5'" . DG  B 1 5 ? -7.351  -2.101  4.905   1.00 27.42 ? 11 DG  B "O5'" 1 
ATOM   208 C "C5'" . DG  B 1 5 ? -8.578  -1.824  4.193   1.00 24.71 ? 11 DG  B "C5'" 1 
ATOM   209 C "C4'" . DG  B 1 5 ? -8.549  -2.396  2.801   1.00 17.68 ? 11 DG  B "C4'" 1 
ATOM   210 O "O4'" . DG  B 1 5 ? -7.341  -1.940  2.173   1.00 14.45 ? 11 DG  B "O4'" 1 
ATOM   211 C "C3'" . DG  B 1 5 ? -8.424  -3.904  2.745   1.00 15.37 ? 11 DG  B "C3'" 1 
ATOM   212 O "O3'" . DG  B 1 5 ? -9.621  -4.589  3.104   1.00 17.93 ? 11 DG  B "O3'" 1 
ATOM   213 C "C2'" . DG  B 1 5 ? -8.111  -3.990  1.283   1.00 14.12 ? 11 DG  B "C2'" 1 
ATOM   214 C "C1'" . DG  B 1 5 ? -7.037  -2.926  1.184   1.00 14.03 ? 11 DG  B "C1'" 1 
ATOM   215 N N9    . DG  B 1 5 ? -5.667  -3.359  1.344   1.00 9.35  ? 11 DG  B N9    1 
ATOM   216 C C8    . DG  B 1 5 ? -4.821  -3.187  2.387   1.00 16.59 ? 11 DG  B C8    1 
ATOM   217 N N7    . DG  B 1 5 ? -3.593  -3.593  2.215   1.00 14.36 ? 11 DG  B N7    1 
ATOM   218 C C5    . DG  B 1 5 ? -3.661  -4.091  0.909   1.00 11.28 ? 11 DG  B C5    1 
ATOM   219 C C6    . DG  B 1 5 ? -2.640  -4.651  0.092   1.00 14.34 ? 11 DG  B C6    1 
ATOM   220 O O6    . DG  B 1 5 ? -1.432  -4.729  0.338   1.00 13.88 ? 11 DG  B O6    1 
ATOM   221 N N1    . DG  B 1 5 ? -3.137  -5.026  -1.161  1.00 12.64 ? 11 DG  B N1    1 
ATOM   222 C C2    . DG  B 1 5 ? -4.429  -4.845  -1.577  1.00 14.25 ? 11 DG  B C2    1 
ATOM   223 N N2    . DG  B 1 5 ? -4.759  -5.275  -2.777  1.00 19.35 ? 11 DG  B N2    1 
ATOM   224 N N3    . DG  B 1 5 ? -5.381  -4.302  -0.840  1.00 11.36 ? 11 DG  B N3    1 
ATOM   225 C C4    . DG  B 1 5 ? -4.924  -3.950  0.390   1.00 9.47  ? 11 DG  B C4    1 
ATOM   226 P P     . DC  B 1 6 ? -9.616  -6.063  3.788   1.00 17.00 ? 12 DC  B P     1 
ATOM   227 O OP1   . DC  B 1 6 ? -10.979 -6.391  4.255   1.00 21.76 ? 12 DC  B OP1   1 
ATOM   228 O OP2   . DC  B 1 6 ? -8.494  -6.147  4.741   1.00 13.80 ? 12 DC  B OP2   1 
ATOM   229 O "O5'" . DC  B 1 6 ? -9.317  -7.015  2.497   1.00 11.20 ? 12 DC  B "O5'" 1 
ATOM   230 C "C5'" . DC  B 1 6 ? -10.102 -7.138  1.350   1.00 6.59  ? 12 DC  B "C5'" 1 
ATOM   231 C "C4'" . DC  B 1 6 ? -9.228  -7.748  0.309   1.00 7.85  ? 12 DC  B "C4'" 1 
ATOM   232 O "O4'" . DC  B 1 6 ? -8.077  -6.894  0.094   1.00 10.31 ? 12 DC  B "O4'" 1 
ATOM   233 C "C3'" . DC  B 1 6 ? -8.624  -9.055  0.741   1.00 9.58  ? 12 DC  B "C3'" 1 
ATOM   234 O "O3'" . DC  B 1 6 ? -9.402  -10.223 0.663   1.00 5.51  ? 12 DC  B "O3'" 1 
ATOM   235 C "C2'" . DC  B 1 6 ? -7.547  -9.149  -0.298  1.00 15.14 ? 12 DC  B "C2'" 1 
ATOM   236 C "C1'" . DC  B 1 6 ? -7.025  -7.732  -0.422  1.00 12.57 ? 12 DC  B "C1'" 1 
ATOM   237 N N1    . DC  B 1 6 ? -5.750  -7.653  0.303   1.00 17.16 ? 12 DC  B N1    1 
ATOM   238 C C2    . DC  B 1 6 ? -4.593  -8.172  -0.321  1.00 17.54 ? 12 DC  B C2    1 
ATOM   239 O O2    . DC  B 1 6 ? -4.646  -8.753  -1.423  1.00 15.63 ? 12 DC  B O2    1 
ATOM   240 N N3    . DC  B 1 6 ? -3.407  -8.060  0.349   1.00 11.14 ? 12 DC  B N3    1 
ATOM   241 C C4    . DC  B 1 6 ? -3.365  -7.505  1.561   1.00 11.19 ? 12 DC  B C4    1 
ATOM   242 N N4    . DC  B 1 6 ? -2.203  -7.480  2.202   1.00 9.65  ? 12 DC  B N4    1 
ATOM   243 C C5    . DC  B 1 6 ? -4.526  -6.975  2.196   1.00 11.50 ? 12 DC  B C5    1 
ATOM   244 C C6    . DC  B 1 6 ? -5.700  -7.084  1.538   1.00 13.05 ? 12 DC  B C6    1 
HETATM 245 O O     . HOH C 2 . ? 1.315   3.608   -6.482  1.00 40.82 ? 14 HOH A O     1 
HETATM 246 O O     . HOH C 2 . ? -4.749  -5.615  -6.514  1.00 30.93 ? 15 HOH A O     1 
HETATM 247 O O     . HOH C 2 . ? -5.440  2.884   -0.114  1.00 45.05 ? 16 HOH A O     1 
HETATM 248 O O     . HOH C 2 . ? -5.277  -7.641  -4.669  1.00 35.47 ? 20 HOH A O     1 
HETATM 249 O O     . HOH C 2 . ? -2.680  11.980  -2.967  1.00 34.80 ? 22 HOH A O     1 
HETATM 250 O O     . HOH C 2 . ? 2.488   -2.775  -1.170  1.00 64.66 ? 23 HOH A O     1 
HETATM 251 O O     . HOH C 2 . ? -2.741  14.305  -4.800  1.00 47.71 ? 26 HOH A O     1 
HETATM 252 O O     . HOH C 2 . ? 2.499   7.707   -5.093  1.00 32.89 ? 27 HOH A O     1 
HETATM 253 O O     . HOH C 2 . ? -4.728  0.208   -10.589 1.00 50.65 ? 31 HOH A O     1 
HETATM 254 O O     . HOH C 2 . ? 2.618   -1.309  -7.540  1.00 55.96 ? 32 HOH A O     1 
HETATM 255 O O     . HOH C 2 . ? -1.403  12.648  -8.608  0.50 67.27 ? 33 HOH A O     1 
HETATM 256 O O     . HOH C 2 . ? -1.775  4.353   -11.395 1.00 35.02 ? 36 HOH A O     1 
HETATM 257 O O     . HOH C 2 . ? 3.976   -8.974  2.061   1.00 45.28 ? 38 HOH A O     1 
HETATM 258 O O     . HOH C 2 . ? 1.971   -2.384  -12.642 1.00 42.63 ? 39 HOH A O     1 
HETATM 259 O O     . HOH C 2 . ? 2.784   -5.023  -6.698  1.00 56.26 ? 40 HOH A O     1 
HETATM 260 O O     . HOH C 2 . ? 2.055   -3.903  -3.782  1.00 41.09 ? 41 HOH A O     1 
HETATM 261 O O     . HOH C 2 . ? 3.407   4.052   -2.407  1.00 42.78 ? 42 HOH A O     1 
HETATM 262 O O     . HOH C 2 . ? 1.697   3.449   -10.637 0.50 45.97 ? 43 HOH A O     1 
HETATM 263 O O     . HOH C 2 . ? 6.770   4.506   -4.561  1.00 56.34 ? 44 HOH A O     1 
HETATM 264 O O     . HOH C 2 . ? 2.835   -2.033  -10.695 1.00 57.52 ? 45 HOH A O     1 
HETATM 265 O O     . HOH C 2 . ? 3.554   5.812   -4.925  1.00 53.89 ? 46 HOH A O     1 
HETATM 266 O O     . HOH D 2 . ? -1.937  1.258   12.540  1.00 37.17 ? 13 HOH B O     1 
HETATM 267 O O     . HOH D 2 . ? 3.770   -0.574  5.011   1.00 52.47 ? 17 HOH B O     1 
HETATM 268 O O     . HOH D 2 . ? -12.215 -10.450 2.593   1.00 36.28 ? 18 HOH B O     1 
HETATM 269 O O     . HOH D 2 . ? -6.099  -6.020  5.170   1.00 32.83 ? 19 HOH B O     1 
HETATM 270 O O     . HOH D 2 . ? -3.221  -5.938  5.169   1.00 45.83 ? 21 HOH B O     1 
HETATM 271 O O     . HOH D 2 . ? -4.326  -2.067  10.105  1.00 30.72 ? 24 HOH B O     1 
HETATM 272 O O     . HOH D 2 . ? 0.966   -1.304  8.133   1.00 24.87 ? 25 HOH B O     1 
HETATM 273 O O     . HOH D 2 . ? 0.993   6.401   10.308  1.00 46.74 ? 28 HOH B O     1 
HETATM 274 O O     . HOH D 2 . ? 4.916   1.081   7.774   1.00 16.68 ? 29 HOH B O     1 
HETATM 275 O O     . HOH D 2 . ? 11.687  -2.006  7.739   1.00 51.95 ? 30 HOH B O     1 
HETATM 276 O O     . HOH D 2 . ? 1.048   7.247   6.333   1.00 35.97 ? 34 HOH B O     1 
HETATM 277 O O     . HOH D 2 . ? 6.899   2.826   -1.643  1.00 49.55 ? 35 HOH B O     1 
HETATM 278 O O     . HOH D 2 . ? -12.403 -4.648  3.100   1.00 38.22 ? 37 HOH B O     1 
# 
